data_4TVG
#
_entry.id   4TVG
#
_cell.length_a   28.548
_cell.length_b   65.273
_cell.length_c   91.503
_cell.angle_alpha   90.000
_cell.angle_beta   90.000
_cell.angle_gamma   90.000
#
_symmetry.space_group_name_H-M   'P 21 21 21'
#
loop_
_entity.id
_entity.type
_entity.pdbx_description
1 polymer 'HIV Protease'
2 polymer Pepstatin
3 non-polymer '3-(morpholin-4-ylmethyl)-1H-indole-6-carboxylic acid'
4 non-polymer GLYCEROL
5 water water
#
loop_
_entity_poly.entity_id
_entity_poly.type
_entity_poly.pdbx_seq_one_letter_code
_entity_poly.pdbx_strand_id
1 'polypeptide(L)'
;PQITLWKRPLVTIKIGGQLKEALLDTGADDTVLEEMNLPGRWKPKMIGGIGGFIKVRQYDQILIEICGHKAIGTVLVGPT
PVNIIGRNLLTQIGCTLNF
;
A,B
2 'polypeptide(L)' (IVA)VV(STA)A(STA) C
#
# COMPACT_ATOMS: atom_id res chain seq x y z
N PRO A 1 -0.87 3.10 18.89
CA PRO A 1 -2.15 3.38 18.24
C PRO A 1 -2.73 2.23 17.41
N GLN A 2 -4.06 2.13 17.40
CA GLN A 2 -4.78 1.30 16.43
C GLN A 2 -5.41 2.21 15.37
N ILE A 3 -5.23 1.86 14.10
CA ILE A 3 -5.70 2.66 13.01
C ILE A 3 -6.67 1.84 12.16
N THR A 4 -7.95 2.24 12.18
CA THR A 4 -8.95 1.63 11.28
C THR A 4 -8.76 2.14 9.82
N LEU A 5 -9.40 1.47 8.89
CA LEU A 5 -9.09 1.66 7.48
C LEU A 5 -10.25 2.25 6.66
N TRP A 6 -11.17 2.94 7.36
CA TRP A 6 -12.32 3.60 6.70
C TRP A 6 -11.89 4.87 5.97
N LYS A 7 -10.73 5.39 6.30
CA LYS A 7 -10.05 6.36 5.44
C LYS A 7 -8.56 5.98 5.32
N ARG A 8 -7.84 6.69 4.45
CA ARG A 8 -6.43 6.44 4.24
C ARG A 8 -5.69 6.64 5.55
N PRO A 9 -4.85 5.64 5.94
CA PRO A 9 -4.05 5.74 7.20
C PRO A 9 -2.87 6.70 7.06
N LEU A 10 -3.21 7.99 7.04
CA LEU A 10 -2.28 9.11 7.09
C LEU A 10 -1.96 9.43 8.56
N VAL A 11 -0.66 9.50 8.85
CA VAL A 11 -0.14 9.80 10.17
C VAL A 11 0.91 10.90 10.04
N THR A 12 1.13 11.54 11.19
CA THR A 12 2.17 12.54 11.29
C THR A 12 3.55 11.88 11.30
N ILE A 13 4.47 12.40 10.49
CA ILE A 13 5.89 12.04 10.58
C ILE A 13 6.70 13.27 10.85
N LYS A 14 7.90 13.06 11.37
CA LYS A 14 8.92 14.07 11.49
C LYS A 14 10.15 13.53 10.78
N ILE A 15 10.61 14.29 9.77
CA ILE A 15 11.83 13.95 9.01
C ILE A 15 12.53 15.24 8.57
N GLY A 16 13.87 15.23 8.66
CA GLY A 16 14.65 16.43 8.30
C GLY A 16 14.22 17.62 9.16
N GLY A 17 13.77 17.34 10.38
CA GLY A 17 13.27 18.38 11.25
C GLY A 17 11.93 19.03 10.89
N GLN A 18 11.26 18.49 9.87
CA GLN A 18 10.00 19.02 9.39
C GLN A 18 8.90 18.04 9.71
N LEU A 19 7.77 18.56 10.19
CA LEU A 19 6.57 17.74 10.33
C LEU A 19 5.86 17.60 8.98
N LYS A 20 5.49 16.36 8.68
CA LYS A 20 4.76 16.07 7.47
C LYS A 20 3.74 15.01 7.84
N GLU A 21 2.88 14.68 6.90
CA GLU A 21 2.05 13.53 7.06
C GLU A 21 2.29 12.57 5.92
N ALA A 22 1.99 11.31 6.17
CA ALA A 22 2.34 10.27 5.23
C ALA A 22 1.48 9.07 5.46
N LEU A 23 1.44 8.23 4.44
CA LEU A 23 0.48 7.18 4.33
C LEU A 23 1.11 5.84 4.75
N LEU A 24 0.62 5.22 5.83
CA LEU A 24 1.04 3.87 6.19
C LEU A 24 0.64 2.83 5.14
N ASP A 25 1.59 2.45 4.28
CA ASP A 25 1.25 1.63 3.11
C ASP A 25 1.84 0.23 3.21
N THR A 26 1.03 -0.74 3.63
CA THR A 26 1.50 -2.10 3.66
C THR A 26 1.80 -2.70 2.30
N GLY A 27 1.38 -2.03 1.21
CA GLY A 27 1.63 -2.52 -0.15
C GLY A 27 2.82 -1.84 -0.76
N ALA A 28 3.60 -1.12 0.07
CA ALA A 28 4.79 -0.43 -0.34
C ALA A 28 5.95 -1.12 0.32
N ASP A 29 6.88 -1.64 -0.50
CA ASP A 29 8.08 -2.32 0.00
C ASP A 29 8.97 -1.30 0.72
N ASP A 30 9.13 -0.16 0.06
CA ASP A 30 9.96 0.92 0.50
C ASP A 30 9.14 2.19 0.77
N THR A 31 9.82 3.11 1.45
CA THR A 31 9.33 4.41 1.81
C THR A 31 9.76 5.39 0.75
N VAL A 32 8.76 6.17 0.27
CA VAL A 32 8.97 7.20 -0.78
C VAL A 32 8.30 8.50 -0.35
N LEU A 33 9.08 9.58 -0.31
CA LEU A 33 8.56 10.87 0.11
C LEU A 33 8.72 11.90 -1.01
N GLU A 34 7.86 12.89 -0.94
CA GLU A 34 7.93 14.00 -1.85
C GLU A 34 9.28 14.70 -1.73
N GLU A 35 9.65 15.39 -2.82
CA GLU A 35 10.88 16.16 -2.93
C GLU A 35 11.12 16.99 -1.68
N MET A 36 12.25 16.71 -1.05
CA MET A 36 12.73 17.46 0.08
C MET A 36 14.23 17.24 0.07
N ASN A 37 14.92 18.08 0.82
CA ASN A 37 16.34 17.92 1.05
C ASN A 37 16.50 17.05 2.28
N LEU A 38 17.45 16.10 2.21
CA LEU A 38 17.87 15.27 3.36
C LEU A 38 19.40 15.24 3.45
N PRO A 39 19.94 15.00 4.67
CA PRO A 39 21.39 14.94 4.83
C PRO A 39 22.02 13.67 4.25
N GLY A 40 23.32 13.76 4.00
CA GLY A 40 24.07 12.69 3.37
C GLY A 40 23.98 12.75 1.86
N ARG A 41 24.58 11.76 1.24
CA ARG A 41 24.59 11.63 -0.19
C ARG A 41 23.46 10.68 -0.59
N TRP A 42 22.95 10.84 -1.80
CA TRP A 42 21.93 9.95 -2.35
C TRP A 42 22.43 9.13 -3.53
N LYS A 43 21.72 8.05 -3.85
CA LYS A 43 22.00 7.31 -5.08
C LYS A 43 20.71 7.02 -5.84
N PRO A 44 20.78 7.06 -7.18
CA PRO A 44 19.61 6.89 -8.02
C PRO A 44 19.00 5.50 -7.90
N LYS A 45 17.68 5.46 -7.77
CA LYS A 45 16.94 4.23 -7.77
C LYS A 45 15.66 4.40 -8.57
N MET A 46 15.15 3.29 -9.10
CA MET A 46 13.86 3.23 -9.80
C MET A 46 12.87 2.52 -8.86
N ILE A 47 11.66 3.06 -8.71
CA ILE A 47 10.61 2.36 -7.94
C ILE A 47 9.36 2.17 -8.78
N GLY A 48 8.78 0.97 -8.69
CA GLY A 48 7.59 0.57 -9.43
C GLY A 48 6.31 0.91 -8.67
N GLY A 49 5.24 1.21 -9.40
CA GLY A 49 3.93 1.41 -8.80
C GLY A 49 2.83 1.21 -9.81
N ILE A 50 1.61 1.59 -9.45
CA ILE A 50 0.55 1.78 -10.45
C ILE A 50 0.90 2.99 -11.31
N GLY A 51 0.76 2.85 -12.62
CA GLY A 51 1.11 3.91 -13.54
C GLY A 51 2.50 3.80 -14.11
N GLY A 52 3.33 2.89 -13.57
CA GLY A 52 4.72 2.69 -14.03
C GLY A 52 5.83 2.97 -13.02
N PHE A 53 7.04 3.16 -13.55
CA PHE A 53 8.23 3.42 -12.75
C PHE A 53 8.46 4.90 -12.48
N ILE A 54 9.05 5.22 -11.34
CA ILE A 54 9.56 6.58 -11.11
C ILE A 54 10.98 6.53 -10.60
N LYS A 55 11.73 7.54 -11.01
CA LYS A 55 13.13 7.71 -10.61
C LYS A 55 13.20 8.43 -9.28
N VAL A 56 13.89 7.84 -8.33
CA VAL A 56 14.00 8.39 -6.98
C VAL A 56 15.44 8.50 -6.53
N ARG A 57 15.64 9.31 -5.49
CA ARG A 57 16.92 9.47 -4.86
C ARG A 57 16.86 8.72 -3.55
N GLN A 58 17.82 7.82 -3.36
CA GLN A 58 17.86 6.95 -2.17
C GLN A 58 18.91 7.43 -1.15
N TYR A 59 18.42 7.80 0.03
CA TYR A 59 19.25 8.18 1.16
C TYR A 59 19.13 7.04 2.15
N ASP A 60 20.27 6.58 2.66
CA ASP A 60 20.27 5.53 3.65
C ASP A 60 20.32 6.06 5.08
N GLN A 61 19.96 5.19 6.02
CA GLN A 61 20.16 5.46 7.44
C GLN A 61 19.63 6.86 7.83
N ILE A 62 18.42 7.15 7.38
CA ILE A 62 17.73 8.39 7.75
C ILE A 62 16.87 8.17 9.00
N LEU A 63 16.88 9.15 9.89
CA LEU A 63 16.02 9.12 11.06
C LEU A 63 14.70 9.75 10.69
N ILE A 64 13.64 9.05 11.05
CA ILE A 64 12.30 9.58 10.93
C ILE A 64 11.47 9.11 12.14
N GLU A 65 10.56 9.97 12.58
CA GLU A 65 9.67 9.66 13.67
C GLU A 65 8.27 9.63 13.16
N ILE A 66 7.59 8.52 13.44
CA ILE A 66 6.25 8.27 12.94
C ILE A 66 5.41 8.11 14.17
N CYS A 67 4.46 9.01 14.36
CA CYS A 67 3.65 9.04 15.58
C CYS A 67 4.52 8.79 16.83
N GLY A 68 5.65 9.49 16.93
CA GLY A 68 6.50 9.42 18.13
C GLY A 68 7.44 8.24 18.24
N HIS A 69 7.47 7.37 17.23
CA HIS A 69 8.34 6.22 17.24
C HIS A 69 9.45 6.48 16.26
N LYS A 70 10.67 6.49 16.77
CA LYS A 70 11.84 6.74 15.94
C LYS A 70 12.17 5.48 15.17
N ALA A 71 12.58 5.66 13.91
CA ALA A 71 13.03 4.58 13.05
C ALA A 71 14.20 5.08 12.23
N ILE A 72 15.16 4.20 11.99
CA ILE A 72 16.26 4.50 11.11
C ILE A 72 16.19 3.55 9.91
N GLY A 73 16.34 4.12 8.71
CA GLY A 73 16.36 3.32 7.48
C GLY A 73 16.41 4.12 6.20
N THR A 74 16.22 3.42 5.09
CA THR A 74 16.27 4.00 3.74
C THR A 74 15.02 4.81 3.44
N VAL A 75 15.23 6.02 2.92
CA VAL A 75 14.13 6.86 2.50
C VAL A 75 14.44 7.18 1.03
N LEU A 76 13.45 6.99 0.15
CA LEU A 76 13.54 7.40 -1.23
C LEU A 76 12.80 8.72 -1.36
N VAL A 77 13.34 9.61 -2.19
CA VAL A 77 12.76 10.91 -2.40
C VAL A 77 12.54 11.10 -3.89
N GLY A 78 11.38 11.63 -4.25
CA GLY A 78 11.05 11.85 -5.66
C GLY A 78 9.62 12.33 -5.90
N PRO A 79 9.15 12.23 -7.16
CA PRO A 79 7.89 12.91 -7.53
C PRO A 79 6.62 12.14 -7.21
N THR A 80 6.54 11.52 -6.03
CA THR A 80 5.31 10.86 -5.62
C THR A 80 4.26 11.96 -5.36
N PRO A 81 2.99 11.70 -5.67
CA PRO A 81 1.89 12.59 -5.28
C PRO A 81 1.54 12.52 -3.78
N VAL A 82 2.09 11.53 -3.06
CA VAL A 82 1.77 11.31 -1.62
C VAL A 82 3.01 10.76 -0.91
N ASN A 83 3.21 11.13 0.34
CA ASN A 83 4.31 10.61 1.09
C ASN A 83 3.91 9.24 1.55
N ILE A 84 4.83 8.29 1.48
CA ILE A 84 4.50 6.91 1.73
C ILE A 84 5.55 6.22 2.55
N ILE A 85 5.10 5.65 3.65
CA ILE A 85 5.91 4.92 4.56
C ILE A 85 5.70 3.45 4.24
N GLY A 86 6.73 2.80 3.72
CA GLY A 86 6.60 1.41 3.29
C GLY A 86 7.12 0.46 4.36
N ARG A 87 7.07 -0.84 4.07
CA ARG A 87 7.31 -1.91 5.07
C ARG A 87 8.68 -1.78 5.74
N ASN A 88 9.68 -1.30 4.98
CA ASN A 88 11.06 -1.13 5.49
C ASN A 88 11.11 -0.27 6.74
N LEU A 89 10.17 0.67 6.89
CA LEU A 89 10.06 1.45 8.14
C LEU A 89 8.88 1.09 8.99
N LEU A 90 7.83 0.50 8.41
CA LEU A 90 6.72 0.04 9.23
C LEU A 90 7.15 -1.10 10.15
N THR A 91 8.03 -1.99 9.71
CA THR A 91 8.59 -3.01 10.62
C THR A 91 9.37 -2.39 11.79
N GLN A 92 10.16 -1.33 11.51
CA GLN A 92 10.96 -0.61 12.55
C GLN A 92 10.10 0.00 13.65
N ILE A 93 8.88 0.42 13.33
CA ILE A 93 7.98 0.92 14.42
C ILE A 93 7.09 -0.18 15.00
N GLY A 94 7.27 -1.41 14.55
CA GLY A 94 6.50 -2.54 15.10
C GLY A 94 5.05 -2.52 14.65
N CYS A 95 4.80 -1.92 13.49
CA CYS A 95 3.46 -1.90 12.91
C CYS A 95 3.07 -3.26 12.31
N THR A 96 1.93 -3.78 12.77
CA THR A 96 1.36 -5.02 12.26
C THR A 96 -0.10 -4.82 11.78
N LEU A 97 -0.55 -5.76 10.94
CA LEU A 97 -1.95 -5.85 10.52
C LEU A 97 -2.66 -6.82 11.42
N ASN A 98 -3.88 -6.44 11.79
CA ASN A 98 -4.70 -7.20 12.72
C ASN A 98 -6.15 -7.40 12.28
N PHE A 99 -6.61 -8.64 12.26
CA PHE A 99 -8.04 -8.93 12.01
C PHE A 99 -8.44 -10.29 12.57
N PRO B 1 -5.76 -12.83 12.60
CA PRO B 1 -4.35 -12.97 12.95
C PRO B 1 -3.58 -11.64 13.13
N GLN B 2 -2.31 -11.74 13.47
CA GLN B 2 -1.43 -10.58 13.58
C GLN B 2 -0.32 -10.75 12.61
N ILE B 3 -0.22 -9.83 11.66
CA ILE B 3 0.71 -10.02 10.55
C ILE B 3 1.79 -8.93 10.66
N THR B 4 3.04 -9.39 10.82
CA THR B 4 4.22 -8.54 10.75
C THR B 4 4.59 -8.29 9.28
N LEU B 5 5.45 -7.32 9.05
CA LEU B 5 5.61 -6.75 7.75
C LEU B 5 7.02 -6.94 7.13
N TRP B 6 7.78 -7.90 7.69
CA TRP B 6 9.14 -8.23 7.24
C TRP B 6 9.17 -8.77 5.79
N LYS B 7 8.02 -9.25 5.32
CA LYS B 7 7.80 -9.55 3.91
C LYS B 7 6.43 -9.03 3.50
N ARG B 8 6.11 -9.13 2.22
CA ARG B 8 4.81 -8.70 1.72
C ARG B 8 3.69 -9.49 2.36
N PRO B 9 2.61 -8.81 2.79
CA PRO B 9 1.49 -9.52 3.45
C PRO B 9 0.50 -10.16 2.47
N LEU B 10 0.98 -11.18 1.77
CA LEU B 10 0.17 -11.92 0.79
C LEU B 10 -0.71 -12.93 1.52
N VAL B 11 -1.97 -12.99 1.10
CA VAL B 11 -2.92 -13.85 1.72
C VAL B 11 -3.62 -14.67 0.65
N THR B 12 -4.15 -15.81 1.08
CA THR B 12 -5.08 -16.56 0.25
C THR B 12 -6.41 -15.81 0.13
N ILE B 13 -6.76 -15.50 -1.12
CA ILE B 13 -8.09 -15.01 -1.48
C ILE B 13 -8.76 -16.02 -2.41
N LYS B 14 -10.06 -16.23 -2.23
CA LYS B 14 -10.81 -17.03 -3.19
C LYS B 14 -11.90 -16.20 -3.88
N ILE B 15 -11.95 -16.37 -5.21
CA ILE B 15 -12.93 -15.74 -6.12
C ILE B 15 -13.23 -16.69 -7.29
N GLY B 16 -14.52 -16.94 -7.56
CA GLY B 16 -14.95 -17.67 -8.74
C GLY B 16 -14.30 -19.03 -8.85
N GLY B 17 -14.35 -19.79 -7.76
CA GLY B 17 -13.68 -21.09 -7.63
C GLY B 17 -12.18 -21.13 -7.86
N GLN B 18 -11.52 -19.98 -7.71
CA GLN B 18 -10.08 -19.91 -7.86
C GLN B 18 -9.48 -19.29 -6.63
N LEU B 19 -8.47 -19.99 -6.11
CA LEU B 19 -7.63 -19.49 -5.05
C LEU B 19 -6.56 -18.68 -5.75
N LYS B 20 -6.47 -17.42 -5.39
CA LYS B 20 -5.37 -16.62 -5.86
C LYS B 20 -4.78 -16.02 -4.61
N GLU B 21 -3.78 -15.19 -4.78
CA GLU B 21 -3.22 -14.52 -3.66
C GLU B 21 -3.01 -13.05 -3.95
N ALA B 22 -3.07 -12.27 -2.86
CA ALA B 22 -3.07 -10.83 -2.99
C ALA B 22 -2.58 -10.18 -1.71
N LEU B 23 -2.08 -8.98 -1.87
CA LEU B 23 -1.35 -8.29 -0.87
C LEU B 23 -2.35 -7.42 -0.07
N LEU B 24 -2.37 -7.56 1.26
CA LEU B 24 -3.22 -6.72 2.11
C LEU B 24 -2.57 -5.34 2.10
N ASP B 25 -3.23 -4.40 1.43
CA ASP B 25 -2.59 -3.15 0.98
C ASP B 25 -3.30 -1.93 1.58
N THR B 26 -2.79 -1.45 2.70
CA THR B 26 -3.39 -0.31 3.40
C THR B 26 -3.24 0.98 2.62
N GLY B 27 -2.37 0.99 1.62
CA GLY B 27 -2.19 2.18 0.76
C GLY B 27 -3.06 2.21 -0.48
N ALA B 28 -3.99 1.26 -0.59
CA ALA B 28 -4.82 1.16 -1.78
C ALA B 28 -6.26 1.44 -1.41
N ASP B 29 -6.87 2.46 -2.04
CA ASP B 29 -8.30 2.72 -1.82
C ASP B 29 -9.14 1.55 -2.34
N ASP B 30 -8.59 0.81 -3.33
CA ASP B 30 -9.33 -0.14 -4.16
C ASP B 30 -8.67 -1.52 -4.07
N THR B 31 -9.43 -2.54 -4.48
CA THR B 31 -8.91 -3.88 -4.68
C THR B 31 -8.73 -4.04 -6.21
N VAL B 32 -7.53 -4.51 -6.61
CA VAL B 32 -7.11 -4.55 -8.01
C VAL B 32 -6.40 -5.87 -8.27
N LEU B 33 -6.95 -6.64 -9.21
CA LEU B 33 -6.35 -7.88 -9.67
C LEU B 33 -5.98 -7.72 -11.14
N GLU B 34 -4.96 -8.47 -11.54
CA GLU B 34 -4.47 -8.48 -12.90
C GLU B 34 -5.42 -9.17 -13.85
N GLU B 35 -6.09 -10.22 -13.35
CA GLU B 35 -7.12 -10.92 -14.11
C GLU B 35 -7.95 -11.80 -13.19
N MET B 36 -9.22 -11.94 -13.53
CA MET B 36 -10.20 -12.58 -12.69
C MET B 36 -11.03 -13.49 -13.58
N ASN B 37 -11.42 -14.65 -13.05
CA ASN B 37 -12.25 -15.62 -13.78
C ASN B 37 -13.57 -15.04 -14.34
N LEU B 38 -13.57 -14.75 -15.64
CA LEU B 38 -14.76 -14.58 -16.49
C LEU B 38 -16.07 -14.08 -15.80
N PRO B 39 -16.01 -12.96 -15.05
CA PRO B 39 -17.09 -12.64 -14.12
C PRO B 39 -18.26 -11.75 -14.60
N GLY B 40 -18.23 -11.26 -15.85
CA GLY B 40 -19.36 -10.52 -16.46
C GLY B 40 -19.08 -9.28 -17.31
N ARG B 41 -20.01 -8.35 -17.33
CA ARG B 41 -19.82 -7.02 -17.94
C ARG B 41 -19.17 -6.06 -16.92
N TRP B 42 -18.21 -5.27 -17.37
CA TRP B 42 -17.50 -4.38 -16.44
C TRP B 42 -17.74 -2.93 -16.82
N LYS B 43 -17.45 -2.01 -15.89
CA LYS B 43 -17.56 -0.59 -16.21
C LYS B 43 -16.19 0.11 -16.17
N PRO B 44 -15.99 1.08 -17.07
CA PRO B 44 -14.70 1.78 -17.03
C PRO B 44 -14.44 2.59 -15.72
N LYS B 45 -13.18 2.56 -15.30
CA LYS B 45 -12.74 3.34 -14.17
C LYS B 45 -11.28 3.72 -14.37
N MET B 46 -10.96 4.89 -13.84
CA MET B 46 -9.61 5.42 -13.78
C MET B 46 -9.12 5.34 -12.33
N ILE B 47 -7.89 4.87 -12.12
CA ILE B 47 -7.24 5.04 -10.82
C ILE B 47 -5.78 5.50 -11.05
N GLY B 48 -5.10 5.84 -9.96
CA GLY B 48 -3.78 6.39 -10.02
C GLY B 48 -2.84 5.69 -9.05
N GLY B 49 -1.56 5.86 -9.32
CA GLY B 49 -0.50 5.45 -8.43
C GLY B 49 0.67 6.39 -8.55
N ILE B 50 1.80 6.08 -7.92
CA ILE B 50 2.93 6.95 -8.01
C ILE B 50 3.48 7.17 -9.44
N GLY B 51 3.31 6.19 -10.33
CA GLY B 51 3.78 6.32 -11.72
C GLY B 51 2.83 7.02 -12.69
N GLY B 52 1.61 7.30 -12.26
CA GLY B 52 0.61 7.92 -13.17
C GLY B 52 -0.72 7.21 -13.06
N PHE B 53 -1.53 7.35 -14.10
CA PHE B 53 -2.93 6.89 -14.09
C PHE B 53 -3.14 5.80 -15.14
N ILE B 54 -3.95 4.81 -14.77
CA ILE B 54 -4.26 3.69 -15.61
C ILE B 54 -5.79 3.51 -15.69
N LYS B 55 -6.19 2.87 -16.79
CA LYS B 55 -7.55 2.45 -17.01
C LYS B 55 -7.73 1.04 -16.45
N VAL B 56 -8.84 0.86 -15.73
CA VAL B 56 -9.19 -0.42 -15.15
C VAL B 56 -10.66 -0.80 -15.43
N ARG B 57 -10.96 -2.09 -15.24
CA ARG B 57 -12.29 -2.66 -15.41
C ARG B 57 -12.91 -2.91 -14.04
N GLN B 58 -14.03 -2.24 -13.77
CA GLN B 58 -14.70 -2.26 -12.47
C GLN B 58 -15.80 -3.31 -12.44
N TYR B 59 -15.75 -4.21 -11.46
CA TYR B 59 -16.75 -5.26 -11.25
C TYR B 59 -17.24 -5.09 -9.85
N ASP B 60 -18.55 -4.95 -9.68
CA ASP B 60 -19.16 -4.65 -8.40
C ASP B 60 -19.77 -5.89 -7.73
N GLN B 61 -20.01 -5.75 -6.43
CA GLN B 61 -20.58 -6.79 -5.63
C GLN B 61 -19.94 -8.17 -5.82
N ILE B 62 -18.62 -8.24 -5.80
CA ILE B 62 -17.94 -9.51 -5.94
C ILE B 62 -17.78 -10.20 -4.56
N LEU B 63 -18.08 -11.49 -4.55
CA LEU B 63 -17.97 -12.30 -3.36
C LEU B 63 -16.52 -12.74 -3.29
N ILE B 64 -15.89 -12.48 -2.17
CA ILE B 64 -14.50 -12.88 -1.99
C ILE B 64 -14.25 -13.33 -0.54
N GLU B 65 -13.43 -14.35 -0.37
CA GLU B 65 -13.00 -14.79 0.97
C GLU B 65 -11.53 -14.48 1.13
N ILE B 66 -11.17 -13.83 2.23
CA ILE B 66 -9.80 -13.44 2.51
C ILE B 66 -9.40 -14.13 3.82
N CYS B 67 -8.45 -15.06 3.79
CA CYS B 67 -8.19 -15.95 4.95
C CYS B 67 -9.45 -16.62 5.47
N GLY B 68 -10.37 -16.97 4.60
CA GLY B 68 -11.69 -17.40 5.04
C GLY B 68 -12.49 -16.41 5.88
N HIS B 69 -12.22 -15.10 5.77
CA HIS B 69 -13.21 -14.08 6.13
C HIS B 69 -13.96 -13.70 4.83
N LYS B 70 -15.29 -13.79 4.84
CA LYS B 70 -16.10 -13.42 3.68
C LYS B 70 -16.23 -11.90 3.58
N ALA B 71 -16.12 -11.37 2.36
CA ALA B 71 -16.31 -9.96 2.10
C ALA B 71 -17.01 -9.77 0.78
N ILE B 72 -17.50 -8.55 0.53
CA ILE B 72 -18.25 -8.26 -0.69
C ILE B 72 -18.08 -6.82 -1.15
N GLY B 73 -17.69 -6.62 -2.40
CA GLY B 73 -17.44 -5.25 -2.89
C GLY B 73 -16.80 -5.21 -4.25
N THR B 74 -16.30 -4.04 -4.61
CA THR B 74 -15.82 -3.78 -5.94
C THR B 74 -14.45 -4.38 -6.12
N VAL B 75 -14.28 -5.12 -7.20
CA VAL B 75 -12.97 -5.66 -7.53
C VAL B 75 -12.66 -5.07 -8.91
N LEU B 76 -11.55 -4.34 -9.00
CA LEU B 76 -11.07 -3.81 -10.25
C LEU B 76 -10.08 -4.78 -10.90
N VAL B 77 -10.06 -4.80 -12.23
CA VAL B 77 -9.06 -5.53 -13.02
C VAL B 77 -8.22 -4.50 -13.79
N GLY B 78 -6.91 -4.57 -13.63
CA GLY B 78 -5.99 -3.56 -14.13
C GLY B 78 -4.52 -3.93 -14.07
N PRO B 79 -3.65 -3.12 -14.70
CA PRO B 79 -2.18 -3.40 -14.71
C PRO B 79 -1.45 -3.07 -13.36
N THR B 80 -1.78 -3.82 -12.33
CA THR B 80 -1.09 -3.76 -11.06
C THR B 80 -0.08 -4.90 -11.08
N PRO B 81 1.17 -4.66 -10.61
CA PRO B 81 2.20 -5.71 -10.68
C PRO B 81 2.03 -6.80 -9.64
N VAL B 82 1.25 -6.50 -8.61
CA VAL B 82 0.80 -7.49 -7.62
C VAL B 82 -0.71 -7.32 -7.38
N ASN B 83 -1.44 -8.42 -7.25
CA ASN B 83 -2.83 -8.31 -6.84
C ASN B 83 -2.89 -7.67 -5.44
N ILE B 84 -3.84 -6.74 -5.23
CA ILE B 84 -3.92 -6.00 -4.00
C ILE B 84 -5.33 -5.87 -3.43
N ILE B 85 -5.44 -6.10 -2.11
CA ILE B 85 -6.71 -5.96 -1.41
C ILE B 85 -6.65 -4.64 -0.77
N GLY B 86 -7.56 -3.75 -1.18
CA GLY B 86 -7.54 -2.36 -0.76
C GLY B 86 -8.50 -2.20 0.38
N ARG B 87 -8.65 -0.97 0.82
CA ARG B 87 -9.33 -0.68 2.05
C ARG B 87 -10.80 -0.97 1.97
N ASN B 88 -11.33 -0.93 0.74
CA ASN B 88 -12.72 -1.23 0.51
C ASN B 88 -13.08 -2.62 1.02
N LEU B 89 -12.18 -3.57 0.87
CA LEU B 89 -12.40 -4.90 1.40
C LEU B 89 -11.73 -5.10 2.74
N LEU B 90 -10.67 -4.36 3.05
CA LEU B 90 -10.01 -4.55 4.36
C LEU B 90 -10.89 -4.16 5.55
N THR B 91 -11.69 -3.09 5.38
CA THR B 91 -12.62 -2.65 6.45
C THR B 91 -13.68 -3.69 6.75
N GLN B 92 -14.11 -4.42 5.72
CA GLN B 92 -15.15 -5.43 5.90
C GLN B 92 -14.67 -6.62 6.75
N ILE B 93 -13.38 -6.95 6.66
CA ILE B 93 -12.85 -8.07 7.44
C ILE B 93 -12.30 -7.63 8.82
N GLY B 94 -12.39 -6.35 9.11
CA GLY B 94 -12.07 -5.85 10.45
C GLY B 94 -10.59 -5.60 10.63
N CYS B 95 -9.84 -5.61 9.52
CA CYS B 95 -8.41 -5.34 9.54
C CYS B 95 -8.05 -3.88 9.96
N THR B 96 -7.09 -3.77 10.89
CA THR B 96 -6.57 -2.51 11.39
C THR B 96 -5.05 -2.60 11.28
N LEU B 97 -4.40 -1.43 11.31
CA LEU B 97 -2.96 -1.32 11.52
C LEU B 97 -2.69 -1.03 12.98
N ASN B 98 -1.73 -1.68 13.60
CA ASN B 98 -1.41 -1.46 15.03
C ASN B 98 0.09 -1.37 15.32
N PHE B 99 0.47 -0.34 16.07
CA PHE B 99 1.84 -0.18 16.54
C PHE B 99 1.88 0.64 17.82
N VAL C 2 8.13 -2.29 -5.05
CA VAL C 2 6.92 -1.66 -5.66
C VAL C 2 6.29 -0.85 -4.56
N VAL C 3 5.63 0.21 -4.97
CA VAL C 3 4.76 1.01 -4.13
C VAL C 3 3.38 0.92 -4.78
N ALA C 5 -2.67 2.83 -4.39
CA ALA C 5 -3.80 2.90 -5.33
C ALA C 5 -4.70 4.00 -4.82
#